data_5Y2I
#
_entry.id   5Y2I
#
_cell.length_a   82.762
_cell.length_b   85.036
_cell.length_c   102.480
_cell.angle_alpha   90.000
_cell.angle_beta   90.000
_cell.angle_gamma   90.000
#
_symmetry.space_group_name_H-M   'P 21 21 21'
#
loop_
_entity.id
_entity.type
_entity.pdbx_description
1 polymer 'Phosphoglycerate mutase 1'
2 non-polymer 3,4-bis(oxidanyl)-9,10-bis(oxidanylidene)-~{N}-[4-(trifluoromethyl)phenyl]anthracene-2-sulfonamide
3 non-polymer 'CHLORIDE ION'
4 non-polymer '2-(N-MORPHOLINO)-ETHANESULFONIC ACID'
5 water water
#
_entity_poly.entity_id   1
_entity_poly.type   'polypeptide(L)'
_entity_poly.pdbx_seq_one_letter_code
;MAAYKLVLIRHGESAWNLENRFSGWYDADLSPAGHEEAKRGGQALRDAGYEFDICFTSVQKRAIRTLWTVLDAIDQMWLP
VVRTWRLNERHYGGLTGLNKAETAAKHGEAQVKIWRRSYDVPPPPMEPDHPFYSNISKDRRYADLTEDQLPSCESLKDTI
ARALPFWNEEIVPQIKEGKRVLIAAHGNSLRGIVKHLEGLSEEAIMELNLPTGIPIVYELDKNLKPIKPMQFLGDEETVR
KAMEAVAAQGKAKKLEHHHHHH
;
_entity_poly.pdbx_strand_id   B,C
#
# COMPACT_ATOMS: atom_id res chain seq x y z
N ALA A 3 22.17 9.31 -15.07
CA ALA A 3 21.53 10.21 -14.11
C ALA A 3 20.38 9.51 -13.38
N TYR A 4 20.14 9.86 -12.12
CA TYR A 4 19.03 9.25 -11.38
C TYR A 4 17.73 9.73 -11.98
N LYS A 5 16.67 8.96 -11.80
CA LYS A 5 15.37 9.40 -12.29
C LYS A 5 14.38 9.36 -11.15
N LEU A 6 13.66 10.46 -10.98
CA LEU A 6 12.68 10.63 -9.92
C LEU A 6 11.33 10.97 -10.53
N VAL A 7 10.27 10.31 -10.09
CA VAL A 7 8.96 10.69 -10.62
C VAL A 7 8.05 11.19 -9.51
N LEU A 8 7.42 12.33 -9.73
CA LEU A 8 6.45 12.88 -8.78
C LEU A 8 5.09 12.84 -9.43
N ILE A 9 4.05 12.66 -8.63
CA ILE A 9 2.71 12.85 -9.15
C ILE A 9 1.84 13.51 -8.08
N ARG A 10 1.14 14.55 -8.52
CA ARG A 10 0.21 15.27 -7.66
C ARG A 10 -1.19 14.72 -7.89
N HIS A 11 -1.93 14.45 -6.82
CA HIS A 11 -3.26 13.89 -7.00
C HIS A 11 -4.19 14.90 -7.67
N GLY A 12 -5.27 14.37 -8.23
CA GLY A 12 -6.25 15.19 -8.89
C GLY A 12 -7.40 15.52 -7.96
N GLU A 13 -8.55 15.72 -8.57
CA GLU A 13 -9.74 16.24 -7.90
C GLU A 13 -10.25 15.39 -6.74
N SER A 14 -10.60 16.06 -5.65
CA SER A 14 -11.21 15.41 -4.49
C SER A 14 -12.72 15.65 -4.45
N ALA A 15 -13.42 14.88 -3.62
CA ALA A 15 -14.87 14.96 -3.51
C ALA A 15 -15.36 16.33 -3.08
N TRP A 16 -16.60 16.63 -3.46
CA TRP A 16 -17.33 17.80 -2.93
C TRP A 16 -16.59 19.09 -3.22
N ASN A 17 -15.79 19.11 -4.29
CA ASN A 17 -15.08 20.31 -4.73
C ASN A 17 -14.08 20.77 -3.66
N LEU A 18 -13.62 19.83 -2.83
CA LEU A 18 -12.76 20.20 -1.71
C LEU A 18 -11.41 20.78 -2.13
N GLU A 19 -10.94 20.54 -3.37
CA GLU A 19 -9.66 21.16 -3.72
C GLU A 19 -9.84 22.66 -4.01
N ASN A 20 -11.07 23.12 -4.08
CA ASN A 20 -11.33 24.55 -4.20
C ASN A 20 -11.90 25.10 -2.90
N ARG A 21 -11.72 24.31 -1.85
CA ARG A 21 -12.22 24.63 -0.52
C ARG A 21 -11.17 24.38 0.57
N PHE A 22 -9.90 24.60 0.25
CA PHE A 22 -8.80 24.44 1.20
C PHE A 22 -8.85 23.10 1.92
N SER A 23 -8.87 22.00 1.16
CA SER A 23 -9.05 20.68 1.74
C SER A 23 -8.02 20.43 2.87
N GLY A 24 -6.76 20.81 2.63
CA GLY A 24 -5.76 20.75 3.68
C GLY A 24 -5.60 19.39 4.32
N TRP A 25 -5.67 19.34 5.66
CA TRP A 25 -5.55 18.07 6.38
C TRP A 25 -6.86 17.28 6.51
N TYR A 26 -7.95 17.81 5.98
CA TYR A 26 -9.18 17.01 5.94
C TYR A 26 -8.99 15.88 4.92
N ASP A 27 -9.39 14.67 5.30
CA ASP A 27 -9.05 13.46 4.52
C ASP A 27 -10.06 13.20 3.42
N ALA A 28 -10.19 14.16 2.51
CA ALA A 28 -11.11 14.05 1.38
C ALA A 28 -10.67 12.95 0.42
N ASP A 29 -11.62 12.17 -0.08
CA ASP A 29 -11.29 11.14 -1.06
C ASP A 29 -11.23 11.78 -2.44
N LEU A 30 -10.62 11.08 -3.39
CA LEU A 30 -10.70 11.46 -4.79
C LEU A 30 -12.15 11.42 -5.25
N SER A 31 -12.52 12.33 -6.15
CA SER A 31 -13.76 12.18 -6.90
C SER A 31 -13.53 11.12 -7.99
N PRO A 32 -14.61 10.63 -8.62
CA PRO A 32 -14.37 9.75 -9.76
C PRO A 32 -13.46 10.38 -10.81
N ALA A 33 -13.64 11.66 -11.11
CA ALA A 33 -12.76 12.34 -12.06
C ALA A 33 -11.29 12.36 -11.61
N GLY A 34 -11.02 12.59 -10.32
CA GLY A 34 -9.66 12.56 -9.84
C GLY A 34 -9.05 11.16 -9.94
N HIS A 35 -9.90 10.17 -9.71
CA HIS A 35 -9.48 8.79 -9.86
C HIS A 35 -9.09 8.50 -11.33
N GLU A 36 -9.92 8.96 -12.26
CA GLU A 36 -9.61 8.81 -13.69
C GLU A 36 -8.32 9.52 -14.07
N GLU A 37 -8.11 10.72 -13.54
CA GLU A 37 -6.83 11.42 -13.73
C GLU A 37 -5.68 10.52 -13.35
N ALA A 38 -5.78 9.93 -12.15
CA ALA A 38 -4.70 9.05 -11.71
C ALA A 38 -4.52 7.86 -12.66
N LYS A 39 -5.63 7.31 -13.16
CA LYS A 39 -5.54 6.22 -14.13
C LYS A 39 -4.76 6.63 -15.39
N ARG A 40 -5.03 7.83 -15.89
CA ARG A 40 -4.36 8.32 -17.08
C ARG A 40 -2.88 8.52 -16.81
N GLY A 41 -2.55 9.06 -15.65
CA GLY A 41 -1.14 9.16 -15.27
C GLY A 41 -0.45 7.81 -15.23
N GLY A 42 -1.11 6.84 -14.60
CA GLY A 42 -0.57 5.49 -14.51
C GLY A 42 -0.35 4.89 -15.89
N GLN A 43 -1.32 5.08 -16.78
CA GLN A 43 -1.20 4.58 -18.15
C GLN A 43 -0.07 5.25 -18.92
N ALA A 44 0.17 6.54 -18.66
CA ALA A 44 1.30 7.22 -19.29
C ALA A 44 2.60 6.58 -18.83
N LEU A 45 2.70 6.30 -17.54
CA LEU A 45 3.90 5.66 -17.01
C LEU A 45 4.07 4.24 -17.56
N ARG A 46 2.95 3.53 -17.75
CA ARG A 46 2.99 2.19 -18.33
C ARG A 46 3.44 2.22 -19.79
N ASP A 47 2.89 3.16 -20.56
CA ASP A 47 3.23 3.28 -21.98
C ASP A 47 4.72 3.57 -22.13
N ALA A 48 5.27 4.34 -21.21
CA ALA A 48 6.68 4.72 -21.28
C ALA A 48 7.61 3.71 -20.65
N GLY A 49 7.04 2.65 -20.07
CA GLY A 49 7.83 1.54 -19.54
C GLY A 49 8.57 1.82 -18.24
N TYR A 50 8.04 2.74 -17.43
CA TYR A 50 8.71 3.10 -16.19
C TYR A 50 8.69 1.99 -15.12
N GLU A 51 9.82 1.82 -14.45
CA GLU A 51 9.93 0.90 -13.34
C GLU A 51 10.37 1.64 -12.11
N PHE A 52 9.77 1.31 -10.97
CA PHE A 52 10.14 1.90 -9.70
C PHE A 52 10.61 0.83 -8.72
N ASP A 53 11.28 1.25 -7.66
CA ASP A 53 11.75 0.31 -6.64
C ASP A 53 11.13 0.62 -5.29
N ILE A 54 10.67 1.86 -5.10
CA ILE A 54 10.06 2.24 -3.82
C ILE A 54 9.18 3.48 -4.01
N CYS A 55 8.11 3.54 -3.22
CA CYS A 55 7.13 4.62 -3.36
C CYS A 55 6.92 5.35 -2.05
N PHE A 56 6.75 6.66 -2.13
CA PHE A 56 6.45 7.45 -0.96
C PHE A 56 5.15 8.21 -1.16
N THR A 57 4.38 8.32 -0.10
CA THR A 57 3.14 9.07 -0.21
C THR A 57 2.82 9.66 1.17
N SER A 58 1.74 10.42 1.25
CA SER A 58 1.31 11.00 2.52
C SER A 58 0.46 10.00 3.30
N VAL A 59 -0.19 10.44 4.37
CA VAL A 59 -1.16 9.59 5.04
C VAL A 59 -2.59 10.01 4.67
N GLN A 60 -2.74 10.78 3.58
CA GLN A 60 -4.06 11.23 3.16
C GLN A 60 -4.58 10.39 2.00
N LYS A 61 -5.83 9.92 2.12
CA LYS A 61 -6.30 8.91 1.18
C LYS A 61 -6.35 9.38 -0.27
N ARG A 62 -6.49 10.67 -0.57
CA ARG A 62 -6.53 11.08 -2.00
C ARG A 62 -5.18 10.86 -2.69
N ALA A 63 -4.11 11.03 -1.92
CA ALA A 63 -2.76 10.71 -2.43
C ALA A 63 -2.52 9.20 -2.45
N ILE A 64 -2.87 8.53 -1.36
CA ILE A 64 -2.67 7.07 -1.31
C ILE A 64 -3.42 6.39 -2.45
N ARG A 65 -4.66 6.80 -2.68
CA ARG A 65 -5.45 6.18 -3.74
C ARG A 65 -4.88 6.54 -5.10
N THR A 66 -4.32 7.75 -5.22
CA THR A 66 -3.62 8.06 -6.47
C THR A 66 -2.45 7.07 -6.71
N LEU A 67 -1.65 6.82 -5.68
CA LEU A 67 -0.54 5.88 -5.77
C LEU A 67 -1.05 4.48 -6.13
N TRP A 68 -2.10 4.02 -5.45
CA TRP A 68 -2.67 2.70 -5.71
C TRP A 68 -3.09 2.54 -7.17
N THR A 69 -3.74 3.57 -7.68
CA THR A 69 -4.23 3.58 -9.05
C THR A 69 -3.06 3.49 -10.03
N VAL A 70 -2.03 4.28 -9.75
CA VAL A 70 -0.83 4.23 -10.58
C VAL A 70 -0.12 2.86 -10.53
N LEU A 71 0.05 2.31 -9.34
CA LEU A 71 0.72 1.01 -9.19
C LEU A 71 -0.07 -0.08 -9.92
N ASP A 72 -1.38 -0.02 -9.81
CA ASP A 72 -2.27 -0.96 -10.50
C ASP A 72 -2.03 -0.86 -12.00
N ALA A 73 -2.08 0.37 -12.51
CA ALA A 73 -1.92 0.59 -13.95
C ALA A 73 -0.58 0.12 -14.50
N ILE A 74 0.48 0.26 -13.71
CA ILE A 74 1.80 -0.16 -14.17
C ILE A 74 2.20 -1.57 -13.69
N ASP A 75 1.26 -2.29 -13.08
CA ASP A 75 1.49 -3.67 -12.62
C ASP A 75 2.67 -3.78 -11.67
N GLN A 76 2.76 -2.84 -10.73
CA GLN A 76 3.78 -2.86 -9.71
C GLN A 76 3.18 -2.66 -8.32
N MET A 77 2.06 -3.33 -8.08
CA MET A 77 1.41 -3.31 -6.77
C MET A 77 2.27 -3.94 -5.68
N TRP A 78 3.30 -4.70 -6.09
CA TRP A 78 4.16 -5.39 -5.13
C TRP A 78 5.25 -4.49 -4.55
N LEU A 79 5.38 -3.26 -5.04
CA LEU A 79 6.45 -2.38 -4.57
C LEU A 79 6.31 -1.99 -3.12
N PRO A 80 7.43 -1.79 -2.42
CA PRO A 80 7.31 -1.24 -1.08
C PRO A 80 6.79 0.21 -1.13
N VAL A 81 5.88 0.50 -0.19
CA VAL A 81 5.25 1.80 -0.09
C VAL A 81 5.49 2.33 1.34
N VAL A 82 5.93 3.58 1.44
CA VAL A 82 6.12 4.26 2.72
C VAL A 82 5.23 5.51 2.78
N ARG A 83 4.41 5.61 3.82
CA ARG A 83 3.48 6.73 4.06
C ARG A 83 4.03 7.64 5.16
N THR A 84 3.85 8.95 5.03
CA THR A 84 4.27 9.85 6.10
C THR A 84 3.40 11.11 6.14
N TRP A 85 3.01 11.54 7.35
CA TRP A 85 2.30 12.80 7.52
C TRP A 85 3.16 13.95 7.00
N ARG A 86 4.48 13.76 6.94
CA ARG A 86 5.34 14.87 6.49
C ARG A 86 5.12 15.23 5.02
N LEU A 87 4.48 14.35 4.26
CA LEU A 87 4.14 14.68 2.86
C LEU A 87 2.68 15.16 2.69
N ASN A 88 1.97 15.34 3.80
CA ASN A 88 0.61 15.87 3.76
C ASN A 88 0.51 17.22 3.06
N GLU A 89 -0.68 17.52 2.55
CA GLU A 89 -1.05 18.84 2.09
C GLU A 89 -0.81 19.87 3.19
N ARG A 90 -0.64 21.11 2.78
CA ARG A 90 -0.58 22.23 3.69
C ARG A 90 -1.83 22.26 4.58
N HIS A 91 -1.65 22.54 5.87
CA HIS A 91 -2.78 22.64 6.81
C HIS A 91 -3.31 24.06 6.74
N TYR A 92 -4.55 24.22 6.27
CA TYR A 92 -5.11 25.56 6.01
C TYR A 92 -5.90 26.14 7.19
N GLY A 93 -5.74 25.52 8.34
CA GLY A 93 -6.25 26.07 9.58
C GLY A 93 -7.74 26.29 9.54
N GLY A 94 -8.19 27.43 10.03
CA GLY A 94 -9.60 27.74 10.10
C GLY A 94 -10.27 27.87 8.75
N LEU A 95 -9.48 28.05 7.70
CA LEU A 95 -10.03 28.16 6.35
C LEU A 95 -10.44 26.82 5.74
N THR A 96 -10.01 25.73 6.38
CA THR A 96 -10.23 24.40 5.82
C THR A 96 -11.70 24.15 5.57
N GLY A 97 -12.04 23.77 4.35
CA GLY A 97 -13.42 23.46 4.01
C GLY A 97 -14.20 24.65 3.47
N LEU A 98 -13.67 25.86 3.61
CA LEU A 98 -14.40 27.05 3.10
C LEU A 98 -14.15 27.29 1.62
N ASN A 99 -15.18 27.74 0.90
CA ASN A 99 -14.96 28.11 -0.49
C ASN A 99 -14.51 29.58 -0.54
N LYS A 100 -14.20 30.07 -1.73
CA LYS A 100 -13.63 31.42 -1.89
C LYS A 100 -14.51 32.52 -1.34
N ALA A 101 -15.81 32.43 -1.63
CA ALA A 101 -16.76 33.47 -1.21
C ALA A 101 -16.84 33.52 0.31
N GLU A 102 -16.94 32.35 0.94
CA GLU A 102 -17.04 32.26 2.41
C GLU A 102 -15.78 32.81 3.06
N THR A 103 -14.64 32.51 2.45
CA THR A 103 -13.35 32.94 2.97
C THR A 103 -13.27 34.48 2.91
N ALA A 104 -13.61 35.03 1.76
CA ALA A 104 -13.61 36.51 1.61
C ALA A 104 -14.62 37.19 2.54
N ALA A 105 -15.81 36.60 2.68
CA ALA A 105 -16.85 37.13 3.56
C ALA A 105 -16.40 37.13 5.01
N LYS A 106 -15.72 36.06 5.42
CA LYS A 106 -15.32 35.96 6.81
C LYS A 106 -14.10 36.83 7.14
N HIS A 107 -13.17 36.95 6.21
CA HIS A 107 -11.88 37.56 6.53
C HIS A 107 -11.56 38.87 5.78
N GLY A 108 -12.32 39.16 4.71
CA GLY A 108 -12.06 40.37 3.92
C GLY A 108 -11.06 40.15 2.81
N GLU A 109 -11.25 40.86 1.70
CA GLU A 109 -10.36 40.67 0.56
C GLU A 109 -8.93 41.10 0.82
N ALA A 110 -8.73 42.14 1.63
CA ALA A 110 -7.40 42.63 1.98
C ALA A 110 -6.53 41.50 2.56
N GLN A 111 -7.04 40.90 3.62
CA GLN A 111 -6.30 39.87 4.36
C GLN A 111 -6.12 38.61 3.53
N VAL A 112 -7.12 38.28 2.72
CA VAL A 112 -7.02 37.10 1.88
C VAL A 112 -5.92 37.31 0.85
N LYS A 113 -5.80 38.53 0.35
CA LYS A 113 -4.73 38.86 -0.60
C LYS A 113 -3.37 38.69 0.07
N ILE A 114 -3.27 39.23 1.28
CA ILE A 114 -2.02 39.08 2.05
C ILE A 114 -1.64 37.60 2.25
N TRP A 115 -2.61 36.77 2.60
CA TRP A 115 -2.32 35.35 2.84
C TRP A 115 -1.90 34.65 1.57
N ARG A 116 -2.60 34.98 0.51
CA ARG A 116 -2.39 34.33 -0.76
C ARG A 116 -1.02 34.68 -1.30
N ARG A 117 -0.52 35.87 -0.97
CA ARG A 117 0.79 36.23 -1.48
C ARG A 117 1.95 36.07 -0.49
N SER A 118 1.68 35.51 0.69
CA SER A 118 2.71 35.47 1.71
C SER A 118 3.31 34.09 1.90
N TYR A 119 4.61 34.06 2.15
CA TYR A 119 5.34 32.80 2.28
C TYR A 119 5.31 32.30 3.72
N ASP A 120 5.29 33.19 4.70
CA ASP A 120 5.35 32.72 6.09
C ASP A 120 4.25 33.31 6.97
N VAL A 121 3.13 33.71 6.38
CA VAL A 121 1.99 34.03 7.22
C VAL A 121 0.97 32.90 7.13
N PRO A 122 0.67 32.25 8.26
CA PRO A 122 -0.32 31.16 8.27
C PRO A 122 -1.73 31.73 8.29
N PRO A 123 -2.73 30.92 7.92
CA PRO A 123 -4.13 31.30 8.16
C PRO A 123 -4.40 31.18 9.67
N PRO A 124 -5.58 31.63 10.12
CA PRO A 124 -5.87 31.48 11.54
C PRO A 124 -5.95 30.01 11.91
N PRO A 125 -5.74 29.70 13.18
CA PRO A 125 -5.74 28.31 13.61
C PRO A 125 -7.12 27.67 13.49
N MET A 126 -7.14 26.36 13.28
CA MET A 126 -8.38 25.61 13.33
C MET A 126 -8.77 25.45 14.81
N GLU A 127 -9.87 26.08 15.20
CA GLU A 127 -10.32 26.16 16.59
C GLU A 127 -11.26 25.02 16.91
N PRO A 128 -11.53 24.78 18.21
CA PRO A 128 -12.46 23.71 18.58
C PRO A 128 -13.86 23.82 17.98
N ASP A 129 -14.29 25.00 17.55
CA ASP A 129 -15.63 25.10 16.98
C ASP A 129 -15.65 24.82 15.47
N HIS A 130 -14.48 24.61 14.87
CA HIS A 130 -14.41 24.26 13.46
C HIS A 130 -14.96 22.83 13.26
N PRO A 131 -15.75 22.61 12.21
CA PRO A 131 -16.35 21.27 12.02
C PRO A 131 -15.32 20.15 11.83
N PHE A 132 -14.08 20.49 11.49
CA PHE A 132 -13.09 19.44 11.28
C PHE A 132 -12.14 19.30 12.47
N TYR A 133 -12.37 20.06 13.54
CA TYR A 133 -11.35 20.14 14.59
C TYR A 133 -10.99 18.79 15.25
N SER A 134 -11.97 18.06 15.77
CA SER A 134 -11.65 16.77 16.41
C SER A 134 -11.38 15.71 15.34
N ASN A 135 -12.08 15.85 14.21
CA ASN A 135 -11.90 14.95 13.08
C ASN A 135 -10.44 14.85 12.65
N ILE A 136 -9.73 15.96 12.66
CA ILE A 136 -8.34 15.98 12.27
C ILE A 136 -7.42 15.85 13.47
N SER A 137 -7.56 16.75 14.43
CA SER A 137 -6.59 16.81 15.54
C SER A 137 -6.60 15.55 16.41
N LYS A 138 -7.72 14.84 16.46
CA LYS A 138 -7.77 13.62 17.26
C LYS A 138 -7.76 12.34 16.41
N ASP A 139 -7.49 12.49 15.12
CA ASP A 139 -7.36 11.32 14.24
C ASP A 139 -6.17 10.48 14.73
N ARG A 140 -6.36 9.18 14.90
CA ARG A 140 -5.29 8.43 15.54
C ARG A 140 -4.10 8.22 14.60
N ARG A 141 -4.21 8.55 13.32
CA ARG A 141 -3.04 8.47 12.48
C ARG A 141 -2.00 9.52 12.90
N TYR A 142 -2.41 10.53 13.68
CA TYR A 142 -1.45 11.52 14.19
C TYR A 142 -1.17 11.36 15.68
N ALA A 143 -1.57 10.23 16.25
CA ALA A 143 -1.47 10.03 17.70
C ALA A 143 -0.03 10.07 18.22
N ASP A 144 0.95 9.74 17.37
CA ASP A 144 2.34 9.74 17.82
C ASP A 144 3.02 11.09 17.62
N LEU A 145 2.31 12.05 17.04
CA LEU A 145 2.89 13.38 16.84
C LEU A 145 2.93 14.16 18.16
N THR A 146 4.01 14.89 18.38
CA THR A 146 4.11 15.75 19.56
C THR A 146 3.32 17.04 19.34
N GLU A 147 3.22 17.86 20.39
CA GLU A 147 2.42 19.07 20.35
C GLU A 147 2.88 20.06 19.28
N ASP A 148 4.17 20.23 19.10
CA ASP A 148 4.65 21.18 18.10
C ASP A 148 4.47 20.63 16.69
N GLN A 149 4.42 19.29 16.57
CA GLN A 149 4.42 18.68 15.24
C GLN A 149 3.05 18.72 14.60
N LEU A 150 2.00 18.56 15.40
CA LEU A 150 0.65 18.53 14.86
C LEU A 150 0.15 19.95 14.65
N PRO A 151 0.06 20.40 13.38
CA PRO A 151 -0.30 21.81 13.15
C PRO A 151 -1.77 22.11 13.42
N SER A 152 -2.05 23.35 13.83
CA SER A 152 -3.40 23.90 13.85
C SER A 152 -3.58 24.73 12.57
N CYS A 153 -2.47 25.03 11.92
CA CYS A 153 -2.42 25.85 10.71
C CYS A 153 -0.97 25.86 10.23
N GLU A 154 -0.78 26.18 8.95
CA GLU A 154 0.56 26.24 8.36
C GLU A 154 0.69 27.36 7.33
N SER A 155 1.81 28.08 7.39
CA SER A 155 2.26 28.87 6.26
C SER A 155 2.88 27.90 5.25
N LEU A 156 3.11 28.35 4.02
CA LEU A 156 3.82 27.51 3.05
C LEU A 156 5.21 27.17 3.59
N LYS A 157 5.84 28.15 4.23
CA LYS A 157 7.14 27.92 4.87
C LYS A 157 7.09 26.78 5.88
N ASP A 158 6.06 26.73 6.72
CA ASP A 158 5.87 25.63 7.66
C ASP A 158 5.77 24.27 6.96
N THR A 159 4.95 24.23 5.92
CA THR A 159 4.71 22.98 5.18
C THR A 159 6.03 22.44 4.63
N ILE A 160 6.76 23.31 3.95
CA ILE A 160 8.05 22.92 3.37
C ILE A 160 9.03 22.52 4.48
N ALA A 161 9.00 23.24 5.60
CA ALA A 161 9.87 22.91 6.73
C ALA A 161 9.62 21.53 7.31
N ARG A 162 8.37 21.03 7.30
CA ARG A 162 8.23 19.67 7.83
C ARG A 162 8.30 18.60 6.76
N ALA A 163 8.23 18.99 5.49
CA ALA A 163 8.39 18.01 4.41
C ALA A 163 9.85 17.68 4.13
N LEU A 164 10.71 18.69 4.15
CA LEU A 164 12.11 18.49 3.75
C LEU A 164 12.96 17.55 4.64
N PRO A 165 12.71 17.51 5.97
CA PRO A 165 13.42 16.51 6.77
C PRO A 165 13.14 15.07 6.32
N PHE A 166 11.92 14.79 5.88
CA PHE A 166 11.63 13.44 5.36
C PHE A 166 12.36 13.22 4.05
N TRP A 167 12.34 14.23 3.18
CA TRP A 167 13.08 14.16 1.93
C TRP A 167 14.56 13.82 2.20
N ASN A 168 15.19 14.60 3.07
CA ASN A 168 16.61 14.40 3.37
C ASN A 168 16.93 13.07 4.05
N GLU A 169 16.13 12.69 5.04
CA GLU A 169 16.43 11.53 5.87
C GLU A 169 15.95 10.20 5.28
N GLU A 170 14.85 10.22 4.52
CA GLU A 170 14.32 8.94 4.04
C GLU A 170 14.35 8.75 2.53
N ILE A 171 14.21 9.83 1.78
CA ILE A 171 14.07 9.66 0.33
C ILE A 171 15.42 9.76 -0.37
N VAL A 172 16.21 10.76 0.02
CA VAL A 172 17.53 10.97 -0.57
C VAL A 172 18.43 9.71 -0.49
N PRO A 173 18.54 9.05 0.69
CA PRO A 173 19.36 7.85 0.72
C PRO A 173 18.92 6.76 -0.26
N GLN A 174 17.62 6.67 -0.55
CA GLN A 174 17.15 5.68 -1.51
C GLN A 174 17.60 6.05 -2.91
N ILE A 175 17.48 7.32 -3.24
CA ILE A 175 17.89 7.79 -4.54
C ILE A 175 19.38 7.54 -4.77
N LYS A 176 20.19 7.84 -3.75
CA LYS A 176 21.63 7.67 -3.89
C LYS A 176 22.06 6.21 -3.92
N GLU A 177 21.22 5.32 -3.41
CA GLU A 177 21.41 3.87 -3.56
C GLU A 177 21.01 3.40 -4.94
N GLY A 178 20.42 4.27 -5.74
CA GLY A 178 20.03 3.87 -7.09
C GLY A 178 18.62 3.34 -7.20
N LYS A 179 17.85 3.42 -6.11
CA LYS A 179 16.45 3.01 -6.17
C LYS A 179 15.66 4.02 -6.97
N ARG A 180 14.78 3.52 -7.84
CA ARG A 180 13.96 4.42 -8.62
C ARG A 180 12.70 4.78 -7.83
N VAL A 181 12.62 6.05 -7.45
CA VAL A 181 11.61 6.52 -6.52
C VAL A 181 10.39 7.13 -7.22
N LEU A 182 9.22 6.74 -6.70
CA LEU A 182 7.97 7.41 -7.09
C LEU A 182 7.38 8.10 -5.87
N ILE A 183 7.02 9.37 -6.00
CA ILE A 183 6.36 10.08 -4.91
C ILE A 183 4.96 10.55 -5.33
N ALA A 184 3.94 10.09 -4.62
CA ALA A 184 2.57 10.54 -4.87
C ALA A 184 2.14 11.42 -3.72
N ALA A 185 1.95 12.70 -3.98
CA ALA A 185 1.63 13.58 -2.87
C ALA A 185 0.79 14.77 -3.29
N HIS A 186 1.01 15.90 -2.64
CA HIS A 186 0.10 17.04 -2.77
C HIS A 186 0.84 18.25 -3.31
N GLY A 187 0.08 19.22 -3.82
CA GLY A 187 0.68 20.44 -4.38
C GLY A 187 1.76 21.08 -3.52
N ASN A 188 1.46 21.37 -2.26
CA ASN A 188 2.40 22.10 -1.40
C ASN A 188 3.58 21.29 -0.83
N SER A 189 3.36 20.01 -0.54
CA SER A 189 4.50 19.19 -0.11
C SER A 189 5.45 18.94 -1.31
N LEU A 190 4.85 18.71 -2.48
CA LEU A 190 5.66 18.55 -3.69
C LEU A 190 6.39 19.85 -4.03
N ARG A 191 5.73 20.99 -3.78
CA ARG A 191 6.39 22.30 -3.90
C ARG A 191 7.64 22.35 -3.05
N GLY A 192 7.57 21.85 -1.82
CA GLY A 192 8.76 21.77 -0.99
C GLY A 192 9.91 21.03 -1.64
N ILE A 193 9.59 19.85 -2.16
CA ILE A 193 10.62 19.08 -2.86
C ILE A 193 11.19 19.81 -4.10
N VAL A 194 10.32 20.38 -4.92
CA VAL A 194 10.74 21.08 -6.13
C VAL A 194 11.61 22.30 -5.82
N LYS A 195 11.20 23.04 -4.79
CA LYS A 195 11.96 24.20 -4.33
C LYS A 195 13.35 23.78 -3.90
N HIS A 196 13.44 22.69 -3.15
CA HIS A 196 14.75 22.20 -2.73
C HIS A 196 15.60 21.74 -3.91
N LEU A 197 15.00 21.01 -4.85
CA LEU A 197 15.72 20.47 -6.00
C LEU A 197 16.28 21.55 -6.93
N GLU A 198 15.46 22.55 -7.22
CA GLU A 198 15.79 23.56 -8.22
C GLU A 198 16.35 24.84 -7.60
N GLY A 199 16.40 24.89 -6.28
CA GLY A 199 16.91 26.06 -5.57
C GLY A 199 16.10 27.31 -5.82
N LEU A 200 14.78 27.16 -5.84
CA LEU A 200 13.89 28.27 -6.20
C LEU A 200 13.68 29.28 -5.08
N SER A 201 13.38 30.52 -5.46
CA SER A 201 13.04 31.53 -4.47
C SER A 201 11.63 31.33 -3.91
N GLU A 202 11.35 31.98 -2.78
CA GLU A 202 10.04 31.91 -2.15
C GLU A 202 8.96 32.37 -3.12
N GLU A 203 9.26 33.45 -3.85
CA GLU A 203 8.31 34.03 -4.79
C GLU A 203 8.05 33.07 -5.95
N ALA A 204 9.14 32.47 -6.44
CA ALA A 204 9.06 31.48 -7.51
C ALA A 204 8.22 30.26 -7.10
N ILE A 205 8.46 29.73 -5.91
CA ILE A 205 7.76 28.51 -5.54
C ILE A 205 6.27 28.83 -5.35
N MET A 206 5.97 30.05 -4.88
CA MET A 206 4.58 30.46 -4.73
C MET A 206 3.90 30.65 -6.06
N GLU A 207 4.66 30.94 -7.11
CA GLU A 207 4.05 31.08 -8.44
C GLU A 207 4.00 29.73 -9.18
N LEU A 208 4.64 28.70 -8.64
CA LEU A 208 4.68 27.42 -9.33
C LEU A 208 3.45 26.57 -9.01
N ASN A 209 2.69 26.22 -10.04
CA ASN A 209 1.52 25.39 -9.84
C ASN A 209 1.67 24.07 -10.58
N LEU A 210 1.94 23.01 -9.84
CA LEU A 210 2.19 21.71 -10.43
C LEU A 210 0.87 21.13 -10.93
N PRO A 211 0.86 20.58 -12.16
CA PRO A 211 -0.35 19.99 -12.74
C PRO A 211 -0.72 18.69 -12.04
N THR A 212 -1.99 18.33 -12.07
CA THR A 212 -2.49 17.15 -11.35
C THR A 212 -2.54 15.95 -12.28
N GLY A 213 -2.36 14.76 -11.73
CA GLY A 213 -2.52 13.52 -12.47
C GLY A 213 -1.50 13.24 -13.56
N ILE A 214 -0.43 14.03 -13.58
CA ILE A 214 0.56 13.92 -14.64
C ILE A 214 1.89 13.55 -14.05
N PRO A 215 2.51 12.48 -14.57
CA PRO A 215 3.84 12.14 -14.06
C PRO A 215 4.82 13.28 -14.35
N ILE A 216 5.52 13.72 -13.32
CA ILE A 216 6.52 14.77 -13.41
C ILE A 216 7.87 14.11 -13.25
N VAL A 217 8.71 14.17 -14.29
CA VAL A 217 9.97 13.43 -14.32
C VAL A 217 11.18 14.34 -14.11
N TYR A 218 12.02 13.95 -13.16
CA TYR A 218 13.31 14.60 -12.91
C TYR A 218 14.48 13.69 -13.25
N GLU A 219 15.46 14.24 -13.95
CA GLU A 219 16.73 13.57 -14.12
C GLU A 219 17.77 14.25 -13.24
N LEU A 220 18.33 13.50 -12.30
CA LEU A 220 19.23 14.11 -11.33
C LEU A 220 20.65 13.57 -11.47
N ASP A 221 21.61 14.46 -11.25
CA ASP A 221 23.01 14.05 -11.24
C ASP A 221 23.41 13.50 -9.88
N LYS A 222 24.70 13.28 -9.71
CA LYS A 222 25.27 12.62 -8.56
C LYS A 222 25.05 13.42 -7.28
N ASN A 223 24.85 14.72 -7.43
CA ASN A 223 24.60 15.59 -6.28
C ASN A 223 23.10 15.87 -6.08
N LEU A 224 22.29 15.16 -6.87
CA LEU A 224 20.82 15.27 -6.84
C LEU A 224 20.40 16.64 -7.35
N LYS A 225 21.18 17.18 -8.26
CA LYS A 225 20.80 18.39 -8.97
C LYS A 225 20.20 18.01 -10.32
N PRO A 226 19.03 18.60 -10.64
CA PRO A 226 18.43 18.32 -11.95
C PRO A 226 19.39 18.71 -13.07
N ILE A 227 19.44 17.92 -14.13
CA ILE A 227 20.33 18.19 -15.25
C ILE A 227 19.57 18.88 -16.36
N LYS A 228 18.26 19.01 -16.18
CA LYS A 228 17.39 19.69 -17.13
C LYS A 228 16.07 20.03 -16.44
N PRO A 229 15.21 20.83 -17.11
CA PRO A 229 13.92 21.15 -16.47
C PRO A 229 13.05 19.92 -16.28
N MET A 230 12.11 20.00 -15.32
CA MET A 230 11.15 18.94 -15.09
C MET A 230 10.40 18.66 -16.40
N GLN A 231 10.08 17.38 -16.61
CA GLN A 231 9.40 16.92 -17.81
C GLN A 231 8.08 16.23 -17.48
N PHE A 232 7.08 16.35 -18.34
CA PHE A 232 5.76 15.76 -18.11
C PHE A 232 5.49 14.58 -19.03
N LEU A 233 4.90 13.50 -18.52
CA LEU A 233 4.60 12.34 -19.35
C LEU A 233 3.14 12.33 -19.77
N GLY A 234 2.89 11.95 -21.02
CA GLY A 234 1.52 11.82 -21.52
C GLY A 234 1.51 12.39 -22.93
N ASP A 235 0.36 12.92 -23.34
CA ASP A 235 0.30 13.82 -24.50
C ASP A 235 -0.45 15.11 -24.15
N ALA B 2 -7.99 -11.00 26.09
CA ALA B 2 -6.58 -11.41 26.12
C ALA B 2 -5.68 -10.26 25.75
N ALA B 3 -4.38 -10.47 25.90
CA ALA B 3 -3.42 -9.38 25.69
C ALA B 3 -3.40 -8.88 24.26
N TYR B 4 -3.37 -9.80 23.29
CA TYR B 4 -3.25 -9.45 21.88
C TYR B 4 -4.38 -9.95 20.98
N LYS B 5 -4.56 -9.27 19.86
CA LYS B 5 -5.54 -9.67 18.86
C LYS B 5 -4.87 -9.71 17.48
N LEU B 6 -5.06 -10.81 16.76
CA LEU B 6 -4.45 -10.96 15.42
C LEU B 6 -5.54 -11.25 14.38
N VAL B 7 -5.52 -10.55 13.24
CA VAL B 7 -6.53 -10.87 12.21
C VAL B 7 -5.88 -11.33 10.91
N LEU B 8 -6.37 -12.45 10.38
CA LEU B 8 -5.91 -13.01 9.13
C LEU B 8 -7.01 -12.92 8.10
N ILE B 9 -6.65 -12.76 6.83
CA ILE B 9 -7.65 -12.88 5.79
C ILE B 9 -7.04 -13.50 4.55
N ARG B 10 -7.74 -14.51 4.08
CA ARG B 10 -7.33 -15.23 2.89
C ARG B 10 -8.04 -14.61 1.70
N HIS B 11 -7.31 -14.34 0.63
CA HIS B 11 -7.92 -13.68 -0.53
C HIS B 11 -8.95 -14.64 -1.15
N GLY B 12 -9.87 -14.09 -1.92
CA GLY B 12 -10.89 -14.90 -2.54
C GLY B 12 -10.54 -15.28 -3.97
N GLU B 13 -11.58 -15.53 -4.75
CA GLU B 13 -11.46 -16.11 -6.09
C GLU B 13 -10.56 -15.28 -7.01
N SER B 14 -9.65 -15.95 -7.72
CA SER B 14 -8.81 -15.28 -8.71
C SER B 14 -9.27 -15.60 -10.12
N ALA B 15 -8.71 -14.88 -11.09
CA ALA B 15 -9.04 -15.11 -12.49
C ALA B 15 -8.66 -16.53 -12.93
N TRP B 16 -7.57 -17.07 -12.39
CA TRP B 16 -7.22 -18.47 -12.70
C TRP B 16 -8.03 -19.52 -11.96
N ASN B 17 -8.60 -19.19 -10.80
CA ASN B 17 -9.53 -20.12 -10.15
C ASN B 17 -10.68 -20.41 -11.12
N LEU B 18 -11.14 -19.37 -11.81
CA LEU B 18 -12.25 -19.54 -12.73
C LEU B 18 -11.86 -20.45 -13.89
N GLU B 19 -10.57 -20.46 -14.23
CA GLU B 19 -10.03 -21.32 -15.28
C GLU B 19 -9.57 -22.69 -14.76
N ASN B 20 -9.70 -22.91 -13.45
CA ASN B 20 -9.32 -24.18 -12.85
C ASN B 20 -7.81 -24.39 -13.01
N ARG B 21 -7.03 -23.31 -13.05
CA ARG B 21 -5.59 -23.43 -13.31
C ARG B 21 -4.78 -23.24 -12.03
N PHE B 22 -3.68 -23.99 -11.90
CA PHE B 22 -2.77 -23.84 -10.76
C PHE B 22 -2.05 -22.50 -10.84
N SER B 23 -2.27 -21.62 -9.87
CA SER B 23 -1.61 -20.31 -9.89
C SER B 23 -0.23 -20.31 -9.21
N GLY B 24 -0.20 -20.71 -7.95
CA GLY B 24 1.05 -20.70 -7.21
C GLY B 24 1.63 -19.30 -7.21
N TRP B 25 2.87 -19.17 -7.67
CA TRP B 25 3.50 -17.87 -7.73
C TRP B 25 3.12 -17.02 -8.95
N TYR B 26 2.33 -17.56 -9.86
CA TYR B 26 1.82 -16.70 -10.94
C TYR B 26 0.90 -15.63 -10.36
N ASP B 27 1.09 -14.39 -10.81
CA ASP B 27 0.45 -13.24 -10.18
C ASP B 27 -0.96 -12.95 -10.72
N ALA B 28 -1.84 -13.93 -10.60
CA ALA B 28 -3.23 -13.80 -11.04
C ALA B 28 -3.96 -12.77 -10.20
N ASP B 29 -4.79 -11.96 -10.85
CA ASP B 29 -5.58 -10.97 -10.14
C ASP B 29 -6.86 -11.59 -9.57
N LEU B 30 -7.50 -10.89 -8.65
CA LEU B 30 -8.83 -11.27 -8.19
C LEU B 30 -9.82 -11.24 -9.36
N SER B 31 -10.80 -12.16 -9.32
CA SER B 31 -11.98 -12.04 -10.17
C SER B 31 -12.88 -10.97 -9.58
N PRO B 32 -13.89 -10.50 -10.35
CA PRO B 32 -14.84 -9.58 -9.72
C PRO B 32 -15.44 -10.16 -8.44
N ALA B 33 -15.82 -11.43 -8.47
CA ALA B 33 -16.38 -12.09 -7.30
C ALA B 33 -15.41 -12.12 -6.10
N GLY B 34 -14.13 -12.39 -6.36
CA GLY B 34 -13.14 -12.37 -5.30
C GLY B 34 -12.96 -10.98 -4.70
N HIS B 35 -13.07 -9.97 -5.56
CA HIS B 35 -12.99 -8.59 -5.11
C HIS B 35 -14.18 -8.26 -4.20
N GLU B 36 -15.37 -8.68 -4.62
CA GLU B 36 -16.56 -8.52 -3.79
C GLU B 36 -16.43 -9.23 -2.45
N GLU B 37 -15.87 -10.44 -2.46
CA GLU B 37 -15.59 -11.16 -1.21
C GLU B 37 -14.75 -10.29 -0.28
N ALA B 38 -13.68 -9.70 -0.82
CA ALA B 38 -12.82 -8.85 0.00
C ALA B 38 -13.59 -7.65 0.58
N LYS B 39 -14.46 -7.07 -0.24
CA LYS B 39 -15.34 -5.97 0.20
C LYS B 39 -16.23 -6.37 1.37
N ARG B 40 -16.80 -7.57 1.29
CA ARG B 40 -17.65 -8.07 2.37
C ARG B 40 -16.84 -8.32 3.65
N GLY B 41 -15.65 -8.89 3.52
CA GLY B 41 -14.79 -9.05 4.69
C GLY B 41 -14.44 -7.71 5.34
N GLY B 42 -14.09 -6.74 4.51
CA GLY B 42 -13.77 -5.40 4.97
C GLY B 42 -14.95 -4.78 5.69
N GLN B 43 -16.15 -4.96 5.14
CA GLN B 43 -17.34 -4.44 5.79
C GLN B 43 -17.62 -5.13 7.13
N ALA B 44 -17.31 -6.42 7.22
CA ALA B 44 -17.43 -7.14 8.50
C ALA B 44 -16.48 -6.53 9.53
N LEU B 45 -15.25 -6.26 9.11
CA LEU B 45 -14.29 -5.64 10.02
C LEU B 45 -14.73 -4.22 10.43
N ARG B 46 -15.31 -3.48 9.48
CA ARG B 46 -15.80 -2.12 9.76
C ARG B 46 -16.96 -2.13 10.76
N ASP B 47 -17.92 -3.03 10.53
CA ASP B 47 -19.08 -3.14 11.41
C ASP B 47 -18.67 -3.52 12.82
N ALA B 48 -17.61 -4.29 12.96
CA ALA B 48 -17.14 -4.72 14.27
C ALA B 48 -16.17 -3.73 14.91
N GLY B 49 -15.87 -2.64 14.21
CA GLY B 49 -15.06 -1.56 14.77
C GLY B 49 -13.58 -1.90 14.91
N TYR B 50 -13.08 -2.78 14.07
CA TYR B 50 -11.68 -3.19 14.19
C TYR B 50 -10.70 -2.10 13.79
N GLU B 51 -9.63 -1.99 14.56
CA GLU B 51 -8.53 -1.07 14.30
C GLU B 51 -7.21 -1.81 14.23
N PHE B 52 -6.39 -1.46 13.25
CA PHE B 52 -5.06 -2.05 13.11
C PHE B 52 -3.96 -1.00 13.18
N ASP B 53 -2.72 -1.45 13.38
CA ASP B 53 -1.57 -0.55 13.45
C ASP B 53 -0.54 -0.86 12.36
N ILE B 54 -0.58 -2.09 11.84
CA ILE B 54 0.32 -2.48 10.77
C ILE B 54 -0.24 -3.68 10.01
N CYS B 55 0.06 -3.73 8.70
CA CYS B 55 -0.44 -4.79 7.83
C CYS B 55 0.68 -5.52 7.12
N PHE B 56 0.53 -6.83 6.95
CA PHE B 56 1.50 -7.61 6.16
C PHE B 56 0.79 -8.31 5.05
N THR B 57 1.45 -8.42 3.91
CA THR B 57 0.86 -9.17 2.81
C THR B 57 1.99 -9.76 1.97
N SER B 58 1.63 -10.49 0.91
CA SER B 58 2.63 -11.05 0.01
C SER B 58 3.06 -10.06 -1.07
N VAL B 59 3.76 -10.55 -2.10
CA VAL B 59 4.00 -9.68 -3.24
C VAL B 59 3.12 -10.07 -4.41
N GLN B 60 2.02 -10.77 -4.12
CA GLN B 60 1.06 -11.14 -5.16
C GLN B 60 -0.21 -10.29 -5.11
N LYS B 61 -0.62 -9.79 -6.26
CA LYS B 61 -1.70 -8.80 -6.31
C LYS B 61 -3.04 -9.32 -5.81
N ARG B 62 -3.33 -10.62 -5.86
CA ARG B 62 -4.65 -11.06 -5.35
C ARG B 62 -4.76 -10.83 -3.82
N ALA B 63 -3.63 -11.02 -3.14
CA ALA B 63 -3.55 -10.71 -1.71
C ALA B 63 -3.47 -9.20 -1.45
N ILE B 64 -2.58 -8.51 -2.18
CA ILE B 64 -2.43 -7.06 -2.01
C ILE B 64 -3.75 -6.33 -2.26
N ARG B 65 -4.45 -6.70 -3.33
CA ARG B 65 -5.72 -6.05 -3.64
C ARG B 65 -6.77 -6.39 -2.59
N THR B 66 -6.71 -7.61 -2.05
CA THR B 66 -7.57 -7.91 -0.91
C THR B 66 -7.30 -6.95 0.28
N LEU B 67 -6.03 -6.75 0.60
CA LEU B 67 -5.65 -5.83 1.67
C LEU B 67 -6.15 -4.41 1.39
N TRP B 68 -5.92 -3.92 0.18
CA TRP B 68 -6.36 -2.58 -0.20
C TRP B 68 -7.87 -2.40 -0.04
N THR B 69 -8.60 -3.44 -0.46
CA THR B 69 -10.05 -3.41 -0.38
C THR B 69 -10.53 -3.33 1.07
N VAL B 70 -9.90 -4.13 1.92
CA VAL B 70 -10.21 -4.10 3.35
C VAL B 70 -9.86 -2.73 3.98
N LEU B 71 -8.67 -2.20 3.67
CA LEU B 71 -8.25 -0.93 4.25
C LEU B 71 -9.18 0.20 3.85
N ASP B 72 -9.62 0.15 2.60
CA ASP B 72 -10.60 1.10 2.07
C ASP B 72 -11.90 0.99 2.89
N ALA B 73 -12.38 -0.24 3.06
CA ALA B 73 -13.64 -0.43 3.77
C ALA B 73 -13.60 0.03 5.24
N ILE B 74 -12.47 -0.14 5.90
CA ILE B 74 -12.37 0.25 7.32
C ILE B 74 -11.77 1.64 7.53
N ASP B 75 -11.59 2.36 6.42
CA ASP B 75 -11.06 3.73 6.42
C ASP B 75 -9.70 3.79 7.13
N GLN B 76 -8.83 2.83 6.82
CA GLN B 76 -7.48 2.83 7.35
C GLN B 76 -6.43 2.67 6.24
N MET B 77 -6.65 3.38 5.13
CA MET B 77 -5.70 3.35 4.02
C MET B 77 -4.33 3.93 4.40
N TRP B 78 -4.30 4.66 5.51
CA TRP B 78 -3.07 5.30 5.95
C TRP B 78 -2.12 4.39 6.73
N LEU B 79 -2.54 3.15 7.03
CA LEU B 79 -1.70 2.24 7.81
C LEU B 79 -0.42 1.84 7.08
N PRO B 80 0.66 1.61 7.83
CA PRO B 80 1.84 1.05 7.18
C PRO B 80 1.58 -0.37 6.71
N VAL B 81 2.11 -0.66 5.53
CA VAL B 81 1.96 -1.95 4.88
C VAL B 81 3.33 -2.51 4.54
N VAL B 82 3.55 -3.78 4.88
CA VAL B 82 4.77 -4.48 4.53
C VAL B 82 4.47 -5.68 3.63
N ARG B 83 5.14 -5.75 2.48
CA ARG B 83 4.98 -6.86 1.55
C ARG B 83 6.17 -7.82 1.61
N THR B 84 5.94 -9.11 1.50
CA THR B 84 7.05 -10.05 1.47
C THR B 84 6.72 -11.30 0.66
N TRP B 85 7.70 -11.73 -0.14
CA TRP B 85 7.55 -12.98 -0.89
C TRP B 85 7.34 -14.17 0.02
N ARG B 86 7.77 -14.06 1.27
CA ARG B 86 7.65 -15.16 2.21
C ARG B 86 6.20 -15.48 2.57
N LEU B 87 5.28 -14.56 2.28
CA LEU B 87 3.85 -14.82 2.48
C LEU B 87 3.15 -15.24 1.17
N ASN B 88 3.92 -15.42 0.10
CA ASN B 88 3.36 -15.89 -1.18
C ASN B 88 2.64 -17.22 -1.03
N GLU B 89 1.72 -17.46 -1.94
CA GLU B 89 1.13 -18.79 -2.12
C GLU B 89 2.23 -19.82 -2.32
N ARG B 90 1.89 -21.07 -2.03
CA ARG B 90 2.75 -22.22 -2.34
C ARG B 90 3.13 -22.19 -3.82
N HIS B 91 4.40 -22.48 -4.12
CA HIS B 91 4.89 -22.53 -5.49
C HIS B 91 4.58 -23.91 -6.08
N TYR B 92 3.74 -23.97 -7.11
CA TYR B 92 3.27 -25.28 -7.63
C TYR B 92 4.15 -25.83 -8.75
N GLY B 93 5.31 -25.22 -8.96
CA GLY B 93 6.30 -25.77 -9.85
C GLY B 93 5.77 -25.95 -11.26
N GLY B 94 6.06 -27.12 -11.85
CA GLY B 94 5.67 -27.40 -13.21
C GLY B 94 4.18 -27.45 -13.44
N LEU B 95 3.40 -27.58 -12.38
CA LEU B 95 1.95 -27.60 -12.52
C LEU B 95 1.40 -26.21 -12.80
N THR B 96 2.23 -25.20 -12.56
CA THR B 96 1.79 -23.81 -12.72
C THR B 96 1.28 -23.57 -14.13
N GLY B 97 0.07 -23.04 -14.23
CA GLY B 97 -0.54 -22.71 -15.50
C GLY B 97 -1.40 -23.83 -16.10
N LEU B 98 -1.25 -25.06 -15.59
CA LEU B 98 -2.05 -26.17 -16.08
C LEU B 98 -3.40 -26.17 -15.38
N ASN B 99 -4.45 -26.60 -16.07
CA ASN B 99 -5.74 -26.76 -15.42
C ASN B 99 -5.92 -28.19 -14.88
N LYS B 100 -7.06 -28.47 -14.27
CA LYS B 100 -7.29 -29.78 -13.64
C LYS B 100 -7.16 -30.93 -14.64
N ALA B 101 -7.74 -30.72 -15.81
CA ALA B 101 -7.79 -31.74 -16.84
C ALA B 101 -6.40 -32.04 -17.34
N GLU B 102 -5.64 -30.99 -17.63
CA GLU B 102 -4.28 -31.14 -18.16
C GLU B 102 -3.36 -31.87 -17.19
N THR B 103 -3.54 -31.56 -15.91
CA THR B 103 -2.74 -32.16 -14.85
C THR B 103 -3.05 -33.65 -14.71
N ALA B 104 -4.33 -33.99 -14.64
CA ALA B 104 -4.71 -35.41 -14.59
C ALA B 104 -4.29 -36.15 -15.86
N ALA B 105 -4.44 -35.51 -17.02
CA ALA B 105 -4.05 -36.17 -18.26
C ALA B 105 -2.57 -36.48 -18.31
N LYS B 106 -1.76 -35.53 -17.86
CA LYS B 106 -0.31 -35.68 -17.93
C LYS B 106 0.24 -36.61 -16.86
N HIS B 107 -0.30 -36.53 -15.65
CA HIS B 107 0.33 -37.21 -14.51
C HIS B 107 -0.47 -38.36 -13.94
N GLY B 108 -1.77 -38.42 -14.26
CA GLY B 108 -2.66 -39.42 -13.69
C GLY B 108 -3.24 -38.90 -12.36
N GLU B 109 -4.51 -39.21 -12.12
CA GLU B 109 -5.15 -38.72 -10.89
C GLU B 109 -4.45 -39.40 -9.71
N ALA B 110 -3.87 -40.58 -9.95
CA ALA B 110 -3.02 -41.23 -8.94
C ALA B 110 -1.89 -40.32 -8.44
N GLN B 111 -1.07 -39.83 -9.36
CA GLN B 111 0.06 -39.00 -8.96
C GLN B 111 -0.47 -37.72 -8.33
N VAL B 112 -1.60 -37.23 -8.83
CA VAL B 112 -2.22 -36.06 -8.20
C VAL B 112 -2.70 -36.37 -6.77
N LYS B 113 -3.08 -37.63 -6.55
CA LYS B 113 -3.47 -38.16 -5.25
C LYS B 113 -2.29 -38.05 -4.29
N ILE B 114 -1.15 -38.59 -4.74
CA ILE B 114 0.08 -38.52 -3.97
C ILE B 114 0.43 -37.08 -3.63
N TRP B 115 0.37 -36.17 -4.60
CA TRP B 115 0.79 -34.79 -4.31
C TRP B 115 -0.12 -34.08 -3.33
N ARG B 116 -1.42 -34.10 -3.60
CA ARG B 116 -2.32 -33.31 -2.76
C ARG B 116 -2.53 -33.89 -1.35
N ARG B 117 -2.30 -35.20 -1.17
CA ARG B 117 -2.40 -35.78 0.17
C ARG B 117 -1.05 -35.77 0.90
N SER B 118 -0.05 -35.11 0.32
CA SER B 118 1.26 -35.13 0.93
C SER B 118 1.62 -33.79 1.51
N TYR B 119 2.31 -33.86 2.63
CA TYR B 119 2.75 -32.68 3.34
C TYR B 119 4.10 -32.29 2.78
N ASP B 120 4.86 -33.29 2.38
CA ASP B 120 6.24 -33.00 2.02
C ASP B 120 6.71 -33.55 0.68
N VAL B 121 5.78 -33.93 -0.19
CA VAL B 121 6.18 -34.28 -1.54
C VAL B 121 5.87 -33.10 -2.45
N PRO B 122 6.90 -32.51 -3.06
CA PRO B 122 6.65 -31.36 -3.92
C PRO B 122 6.15 -31.80 -5.28
N PRO B 123 5.50 -30.87 -6.01
CA PRO B 123 5.19 -31.10 -7.42
C PRO B 123 6.48 -31.03 -8.22
N PRO B 124 6.44 -31.38 -9.51
CA PRO B 124 7.69 -31.32 -10.26
C PRO B 124 8.20 -29.88 -10.39
N PRO B 125 9.52 -29.74 -10.63
CA PRO B 125 10.11 -28.41 -10.70
C PRO B 125 9.67 -27.60 -11.92
N MET B 126 9.62 -26.27 -11.76
CA MET B 126 9.39 -25.40 -12.90
C MET B 126 10.73 -25.23 -13.61
N GLU B 127 10.85 -25.83 -14.79
CA GLU B 127 12.11 -25.85 -15.54
C GLU B 127 12.23 -24.66 -16.48
N PRO B 128 13.44 -24.39 -17.00
CA PRO B 128 13.62 -23.25 -17.90
C PRO B 128 12.71 -23.26 -19.12
N ASP B 129 12.23 -24.42 -19.56
CA ASP B 129 11.35 -24.45 -20.74
C ASP B 129 9.88 -24.29 -20.38
N HIS B 130 9.57 -24.15 -19.11
CA HIS B 130 8.18 -23.94 -18.69
C HIS B 130 7.68 -22.59 -19.20
N PRO B 131 6.43 -22.53 -19.69
CA PRO B 131 5.94 -21.27 -20.28
C PRO B 131 5.86 -20.08 -19.31
N PHE B 132 5.83 -20.34 -18.01
CA PHE B 132 5.82 -19.26 -17.02
C PHE B 132 7.14 -19.11 -16.28
N TYR B 133 8.16 -19.82 -16.76
CA TYR B 133 9.46 -19.80 -16.10
C TYR B 133 10.03 -18.38 -16.01
N SER B 134 10.12 -17.65 -17.12
CA SER B 134 10.67 -16.30 -17.03
C SER B 134 9.69 -15.32 -16.39
N ASN B 135 8.39 -15.54 -16.62
CA ASN B 135 7.37 -14.70 -15.98
C ASN B 135 7.48 -14.68 -14.45
N ILE B 136 7.78 -15.82 -13.85
CA ILE B 136 7.91 -15.91 -12.39
C ILE B 136 9.36 -15.84 -11.91
N SER B 137 10.18 -16.81 -12.34
CA SER B 137 11.54 -16.92 -11.84
C SER B 137 12.42 -15.73 -12.18
N LYS B 138 12.09 -15.03 -13.26
CA LYS B 138 12.90 -13.90 -13.68
C LYS B 138 12.23 -12.55 -13.38
N ASP B 139 11.14 -12.60 -12.60
CA ASP B 139 10.48 -11.38 -12.19
C ASP B 139 11.38 -10.59 -11.25
N ARG B 140 11.53 -9.30 -11.51
CA ARG B 140 12.49 -8.53 -10.74
C ARG B 140 12.09 -8.34 -9.27
N ARG B 141 10.86 -8.68 -8.92
CA ARG B 141 10.46 -8.62 -7.51
C ARG B 141 11.17 -9.67 -6.67
N TYR B 142 11.76 -10.68 -7.32
CA TYR B 142 12.52 -11.70 -6.59
C TYR B 142 14.04 -11.54 -6.79
N ALA B 143 14.46 -10.38 -7.29
CA ALA B 143 15.88 -10.14 -7.62
C ALA B 143 16.82 -10.26 -6.42
N ASP B 144 16.29 -10.02 -5.22
CA ASP B 144 17.11 -10.05 -4.02
C ASP B 144 17.12 -11.41 -3.32
N LEU B 145 16.37 -12.38 -3.85
CA LEU B 145 16.37 -13.72 -3.26
C LEU B 145 17.68 -14.41 -3.63
N THR B 146 18.23 -15.18 -2.70
CA THR B 146 19.41 -15.95 -3.04
C THR B 146 18.97 -17.14 -3.88
N GLU B 147 19.94 -17.86 -4.43
CA GLU B 147 19.63 -18.97 -5.32
C GLU B 147 18.83 -20.04 -4.61
N ASP B 148 19.15 -20.29 -3.36
CA ASP B 148 18.50 -21.33 -2.58
C ASP B 148 17.10 -20.92 -2.14
N GLN B 149 16.86 -19.62 -2.08
CA GLN B 149 15.59 -19.10 -1.57
C GLN B 149 14.48 -19.15 -2.64
N LEU B 150 14.87 -18.95 -3.89
CA LEU B 150 13.91 -18.92 -4.98
C LEU B 150 13.51 -20.35 -5.36
N PRO B 151 12.27 -20.73 -5.05
CA PRO B 151 11.81 -22.11 -5.24
C PRO B 151 11.61 -22.43 -6.72
N SER B 152 11.84 -23.68 -7.09
CA SER B 152 11.42 -24.17 -8.41
C SER B 152 10.09 -24.90 -8.23
N CYS B 153 9.78 -25.21 -6.97
CA CYS B 153 8.57 -25.94 -6.59
C CYS B 153 8.54 -26.00 -5.07
N GLU B 154 7.37 -26.23 -4.50
CA GLU B 154 7.27 -26.32 -3.04
C GLU B 154 6.27 -27.36 -2.63
N SER B 155 6.65 -28.18 -1.66
CA SER B 155 5.68 -28.92 -0.87
C SER B 155 5.09 -27.95 0.13
N LEU B 156 4.00 -28.33 0.80
CA LEU B 156 3.45 -27.47 1.83
C LEU B 156 4.50 -27.22 2.92
N LYS B 157 5.26 -28.27 3.25
CA LYS B 157 6.38 -28.16 4.20
C LYS B 157 7.37 -27.06 3.80
N ASP B 158 7.74 -27.01 2.53
CA ASP B 158 8.64 -25.94 2.04
C ASP B 158 8.04 -24.55 2.26
N THR B 159 6.77 -24.43 1.90
CA THR B 159 6.05 -23.15 1.97
C THR B 159 6.07 -22.65 3.42
N ILE B 160 5.67 -23.53 4.33
CA ILE B 160 5.61 -23.18 5.73
C ILE B 160 7.01 -22.85 6.25
N ALA B 161 8.00 -23.60 5.79
CA ALA B 161 9.38 -23.37 6.20
C ALA B 161 9.92 -22.01 5.79
N ARG B 162 9.45 -21.45 4.66
CA ARG B 162 9.92 -20.12 4.34
C ARG B 162 8.95 -19.02 4.81
N ALA B 163 7.74 -19.38 5.22
CA ALA B 163 6.84 -18.36 5.77
C ALA B 163 7.15 -18.09 7.25
N LEU B 164 7.42 -19.14 8.01
CA LEU B 164 7.58 -18.96 9.46
C LEU B 164 8.74 -18.06 9.88
N PRO B 165 9.86 -18.03 9.12
CA PRO B 165 10.90 -17.07 9.50
C PRO B 165 10.42 -15.62 9.45
N PHE B 166 9.56 -15.28 8.49
CA PHE B 166 9.06 -13.93 8.45
C PHE B 166 8.18 -13.66 9.64
N TRP B 167 7.32 -14.62 9.96
CA TRP B 167 6.50 -14.55 11.15
C TRP B 167 7.31 -14.32 12.42
N ASN B 168 8.31 -15.16 12.65
CA ASN B 168 9.13 -15.06 13.85
C ASN B 168 9.95 -13.77 13.90
N GLU B 169 10.59 -13.42 12.79
CA GLU B 169 11.51 -12.29 12.79
C GLU B 169 10.84 -10.94 12.57
N GLU B 170 9.73 -10.87 11.83
CA GLU B 170 9.12 -9.56 11.55
C GLU B 170 7.75 -9.33 12.15
N ILE B 171 6.93 -10.36 12.29
CA ILE B 171 5.55 -10.12 12.73
C ILE B 171 5.42 -10.23 14.25
N VAL B 172 5.98 -11.30 14.81
CA VAL B 172 5.93 -11.52 16.26
C VAL B 172 6.42 -10.32 17.07
N PRO B 173 7.59 -9.73 16.72
CA PRO B 173 8.04 -8.55 17.46
C PRO B 173 7.05 -7.39 17.39
N GLN B 174 6.34 -7.22 16.27
CA GLN B 174 5.35 -6.17 16.18
C GLN B 174 4.20 -6.46 17.12
N ILE B 175 3.79 -7.73 17.18
CA ILE B 175 2.66 -8.08 18.05
C ILE B 175 3.01 -7.81 19.52
N LYS B 176 4.22 -8.20 19.92
CA LYS B 176 4.65 -8.02 21.31
C LYS B 176 4.94 -6.54 21.62
N GLU B 177 5.11 -5.74 20.56
CA GLU B 177 5.19 -4.27 20.69
C GLU B 177 3.82 -3.64 20.93
N GLY B 178 2.78 -4.47 20.84
CA GLY B 178 1.41 -4.02 21.05
C GLY B 178 0.70 -3.60 19.76
N LYS B 179 1.37 -3.76 18.62
CA LYS B 179 0.75 -3.41 17.33
C LYS B 179 -0.39 -4.37 17.00
N ARG B 180 -1.50 -3.82 16.54
CA ARG B 180 -2.61 -4.65 16.08
C ARG B 180 -2.38 -5.04 14.63
N VAL B 181 -2.10 -6.33 14.42
CA VAL B 181 -1.69 -6.82 13.10
C VAL B 181 -2.83 -7.38 12.27
N LEU B 182 -2.82 -6.98 10.99
CA LEU B 182 -3.65 -7.60 9.97
C LEU B 182 -2.74 -8.27 8.94
N ILE B 183 -2.99 -9.53 8.64
CA ILE B 183 -2.24 -10.23 7.60
C ILE B 183 -3.20 -10.64 6.48
N ALA B 184 -2.94 -10.15 5.27
CA ALA B 184 -3.74 -10.55 4.11
C ALA B 184 -2.88 -11.42 3.21
N ALA B 185 -3.21 -12.70 3.10
CA ALA B 185 -2.31 -13.55 2.33
C ALA B 185 -3.05 -14.71 1.70
N HIS B 186 -2.38 -15.87 1.65
CA HIS B 186 -2.84 -17.00 0.85
C HIS B 186 -3.09 -18.23 1.72
N GLY B 187 -3.88 -19.16 1.20
CA GLY B 187 -4.22 -20.38 1.93
C GLY B 187 -3.06 -21.08 2.60
N ASN B 188 -2.02 -21.37 1.82
CA ASN B 188 -0.91 -22.16 2.35
C ASN B 188 0.08 -21.40 3.25
N SER B 189 0.31 -20.12 2.99
CA SER B 189 1.17 -19.35 3.88
C SER B 189 0.46 -19.10 5.21
N LEU B 190 -0.84 -18.83 5.11
CA LEU B 190 -1.64 -18.68 6.31
C LEU B 190 -1.71 -20.01 7.08
N ARG B 191 -1.76 -21.12 6.36
CA ARG B 191 -1.69 -22.44 7.01
C ARG B 191 -0.44 -22.54 7.83
N GLY B 192 0.67 -22.06 7.28
CA GLY B 192 1.91 -22.05 8.04
C GLY B 192 1.73 -21.34 9.38
N ILE B 193 1.14 -20.16 9.32
CA ILE B 193 0.93 -19.41 10.58
C ILE B 193 -0.04 -20.11 11.56
N VAL B 194 -1.15 -20.63 11.04
CA VAL B 194 -2.14 -21.29 11.88
C VAL B 194 -1.55 -22.55 12.53
N LYS B 195 -0.77 -23.29 11.74
CA LYS B 195 -0.10 -24.50 12.25
C LYS B 195 0.85 -24.16 13.39
N HIS B 196 1.63 -23.09 13.23
CA HIS B 196 2.50 -22.67 14.31
C HIS B 196 1.71 -22.20 15.55
N LEU B 197 0.65 -21.44 15.33
CA LEU B 197 -0.12 -20.88 16.45
C LEU B 197 -0.81 -21.95 17.29
N GLU B 198 -1.40 -22.93 16.61
CA GLU B 198 -2.23 -23.92 17.27
C GLU B 198 -1.47 -25.23 17.54
N GLY B 199 -0.22 -25.30 17.08
CA GLY B 199 0.57 -26.50 17.25
C GLY B 199 -0.04 -27.70 16.56
N LEU B 200 -0.55 -27.50 15.35
CA LEU B 200 -1.26 -28.57 14.66
C LEU B 200 -0.32 -29.59 14.03
N SER B 201 -0.82 -30.82 13.88
CA SER B 201 -0.10 -31.89 13.20
C SER B 201 -0.11 -31.69 11.69
N GLU B 202 0.75 -32.42 10.99
CA GLU B 202 0.78 -32.33 9.54
C GLU B 202 -0.57 -32.72 8.91
N GLU B 203 -1.19 -33.79 9.41
CA GLU B 203 -2.46 -34.22 8.83
C GLU B 203 -3.55 -33.19 9.17
N ALA B 204 -3.50 -32.67 10.38
CA ALA B 204 -4.45 -31.65 10.79
C ALA B 204 -4.36 -30.42 9.87
N ILE B 205 -3.14 -29.96 9.61
CA ILE B 205 -3.02 -28.73 8.81
C ILE B 205 -3.42 -29.03 7.36
N MET B 206 -3.16 -30.26 6.90
CA MET B 206 -3.57 -30.62 5.54
C MET B 206 -5.08 -30.75 5.41
N GLU B 207 -5.77 -31.02 6.52
CA GLU B 207 -7.23 -31.07 6.49
C GLU B 207 -7.87 -29.71 6.75
N LEU B 208 -7.05 -28.72 7.07
CA LEU B 208 -7.58 -27.40 7.35
C LEU B 208 -7.74 -26.59 6.07
N ASN B 209 -8.96 -26.17 5.79
CA ASN B 209 -9.21 -25.34 4.62
C ASN B 209 -9.77 -23.98 5.06
N LEU B 210 -8.94 -22.96 5.00
CA LEU B 210 -9.36 -21.66 5.49
C LEU B 210 -10.34 -21.02 4.53
N PRO B 211 -11.43 -20.48 5.08
CA PRO B 211 -12.43 -19.84 4.24
C PRO B 211 -11.87 -18.53 3.67
N THR B 212 -12.38 -18.13 2.51
CA THR B 212 -11.87 -16.96 1.80
C THR B 212 -12.68 -15.71 2.09
N GLY B 213 -12.02 -14.56 2.04
CA GLY B 213 -12.69 -13.29 2.14
C GLY B 213 -13.32 -13.02 3.49
N ILE B 214 -13.00 -13.84 4.49
CA ILE B 214 -13.60 -13.69 5.79
C ILE B 214 -12.53 -13.43 6.86
N PRO B 215 -12.72 -12.38 7.66
CA PRO B 215 -11.74 -12.09 8.71
C PRO B 215 -11.67 -13.24 9.71
N ILE B 216 -10.46 -13.71 9.96
CA ILE B 216 -10.18 -14.76 10.92
C ILE B 216 -9.50 -14.17 12.14
N VAL B 217 -10.16 -14.27 13.28
CA VAL B 217 -9.71 -13.59 14.49
C VAL B 217 -9.07 -14.55 15.50
N TYR B 218 -7.87 -14.21 15.95
CA TYR B 218 -7.20 -14.90 17.05
C TYR B 218 -7.07 -13.99 18.26
N GLU B 219 -7.43 -14.51 19.44
CA GLU B 219 -7.13 -13.83 20.69
C GLU B 219 -5.95 -14.55 21.31
N LEU B 220 -4.86 -13.82 21.51
CA LEU B 220 -3.59 -14.40 21.93
C LEU B 220 -3.12 -13.90 23.29
N ASP B 221 -2.49 -14.79 24.07
CA ASP B 221 -1.86 -14.34 25.31
C ASP B 221 -0.49 -13.76 24.96
N LYS B 222 0.25 -13.33 25.98
CA LYS B 222 1.50 -12.61 25.76
C LYS B 222 2.56 -13.46 25.09
N ASN B 223 2.38 -14.77 25.16
CA ASN B 223 3.30 -15.68 24.50
C ASN B 223 2.79 -16.10 23.13
N LEU B 224 1.71 -15.45 22.68
CA LEU B 224 1.13 -15.66 21.36
C LEU B 224 0.51 -17.05 21.24
N LYS B 225 -0.01 -17.54 22.36
CA LYS B 225 -0.82 -18.74 22.39
C LYS B 225 -2.29 -18.35 22.32
N PRO B 226 -3.03 -18.95 21.37
CA PRO B 226 -4.46 -18.67 21.31
C PRO B 226 -5.17 -19.09 22.59
N ILE B 227 -6.12 -18.30 23.05
CA ILE B 227 -6.84 -18.62 24.28
C ILE B 227 -8.18 -19.25 23.95
N LYS B 228 -8.48 -19.32 22.65
CA LYS B 228 -9.71 -19.92 22.18
C LYS B 228 -9.58 -20.20 20.68
N PRO B 229 -10.54 -20.98 20.12
CA PRO B 229 -10.43 -21.24 18.68
C PRO B 229 -10.59 -19.98 17.85
N MET B 230 -10.06 -20.03 16.63
CA MET B 230 -10.23 -18.95 15.66
C MET B 230 -11.71 -18.65 15.48
N GLN B 231 -12.03 -17.39 15.27
CA GLN B 231 -13.39 -16.95 15.08
C GLN B 231 -13.51 -16.31 13.71
N PHE B 232 -14.68 -16.44 13.10
CA PHE B 232 -14.91 -15.86 11.79
C PHE B 232 -15.80 -14.65 11.98
N LEU B 233 -15.49 -13.56 11.28
CA LEU B 233 -16.30 -12.35 11.40
C LEU B 233 -17.26 -12.26 10.23
N GLY B 234 -18.44 -11.73 10.49
CA GLY B 234 -19.43 -11.53 9.44
C GLY B 234 -20.84 -11.73 9.96
N ASP B 235 -21.75 -12.14 9.09
CA ASP B 235 -23.10 -12.44 9.51
C ASP B 235 -23.46 -13.92 9.43
#